data_6IME
#
_entry.id   6IME
#
_cell.length_a   77.711
_cell.length_b   89.120
_cell.length_c   94.445
_cell.angle_alpha   90.00
_cell.angle_beta   90.00
_cell.angle_gamma   90.00
#
_symmetry.space_group_name_H-M   'P 21 21 21'
#
loop_
_entity.id
_entity.type
_entity.pdbx_description
1 polymer 'Decaprenyl diphosphate synthase'
2 non-polymer 'GERANYL S-THIOLODIPHOSPHATE'
3 non-polymer 'MAGNESIUM ION'
4 non-polymer 'CHLORIDE ION'
5 non-polymer 'CARBONATE ION'
6 non-polymer 2,3-DIHYDROXY-1,4-DITHIOBUTANE
7 non-polymer GLYCEROL
8 non-polymer '3-methylbut-3-enylsulfanyl(phosphonooxy)phosphinic acid'
9 water water
#
_entity_poly.entity_id   1
_entity_poly.type   'polypeptide(L)'
_entity_poly.pdbx_seq_one_letter_code
;MARDARKRTSSNFPQLPPAPDDYPTFPDTSTWPVVFPELPAAPYGGPCRPPQHTSKAAAPRIPADRLPNHVAIVMDGNGR
WATQRGLARTEGHKMGEAVVIDIACGAIELGIKWLSLYAFSTENWKRSPEEVRFLMGFNRDVVRRRRDTLKKLGVRIRWV
GSRPRLWRSVINELAVAEEMTKSNDVITINYCVNYGGRTEITEATREIAREVAAGRLNPERITESTIARHLQRPDIPDVD
LFLRTSGEQRSSNFMLWQAAYAEYIFQDKLWPDYDRRDLWAACEEYASRTRRFGSA
;
_entity_poly.pdbx_strand_id   A,B
#
loop_
_chem_comp.id
_chem_comp.type
_chem_comp.name
_chem_comp.formula
CL non-polymer 'CHLORIDE ION' 'Cl -1'
CO3 non-polymer 'CARBONATE ION' 'C O3 -2'
DTT non-polymer 2,3-DIHYDROXY-1,4-DITHIOBUTANE 'C4 H10 O2 S2'
GOL non-polymer GLYCEROL 'C3 H8 O3'
GST non-polymer 'GERANYL S-THIOLODIPHOSPHATE' 'C10 H20 O6 P2 S'
ISY non-polymer '3-methylbut-3-enylsulfanyl(phosphonooxy)phosphinic acid' 'C5 H12 O6 P2 S'
MG non-polymer 'MAGNESIUM ION' 'Mg 2'
#
# COMPACT_ATOMS: atom_id res chain seq x y z
N ASN A 12 -15.54 -26.21 -1.02
CA ASN A 12 -15.24 -26.30 -2.45
C ASN A 12 -13.77 -25.97 -2.76
N PHE A 13 -13.15 -26.81 -3.59
CA PHE A 13 -11.74 -26.65 -3.97
C PHE A 13 -11.67 -26.41 -5.47
N PRO A 14 -11.49 -25.18 -5.90
CA PRO A 14 -11.65 -24.88 -7.32
C PRO A 14 -10.39 -25.09 -8.15
N GLN A 15 -9.44 -25.89 -7.67
CA GLN A 15 -8.26 -26.16 -8.48
C GLN A 15 -8.61 -27.09 -9.62
N LEU A 16 -7.96 -26.92 -10.76
CA LEU A 16 -8.11 -27.91 -11.79
C LEU A 16 -7.56 -29.25 -11.30
N PRO A 17 -8.15 -30.38 -11.71
CA PRO A 17 -7.56 -31.64 -11.33
C PRO A 17 -6.16 -31.73 -11.89
N PRO A 18 -5.26 -32.46 -11.22
CA PRO A 18 -3.86 -32.54 -11.68
C PRO A 18 -3.75 -33.03 -13.12
N ALA A 19 -2.75 -32.51 -13.83
CA ALA A 19 -2.58 -32.85 -15.24
C ALA A 19 -2.08 -34.29 -15.39
N PRO A 20 -2.44 -34.96 -16.49
CA PRO A 20 -1.79 -36.23 -16.82
C PRO A 20 -0.28 -36.03 -16.95
N ASP A 21 0.47 -37.09 -16.65
CA ASP A 21 1.92 -36.98 -16.74
C ASP A 21 2.38 -36.53 -18.12
N ASP A 22 1.66 -36.89 -19.18
CA ASP A 22 2.09 -36.53 -20.53
C ASP A 22 1.41 -35.28 -21.07
N TYR A 23 0.67 -34.53 -20.25
CA TYR A 23 0.06 -33.30 -20.72
C TYR A 23 1.15 -32.29 -21.04
N PRO A 24 0.97 -31.45 -22.07
CA PRO A 24 2.03 -30.49 -22.44
C PRO A 24 2.49 -29.68 -21.24
N THR A 25 3.77 -29.30 -21.27
CA THR A 25 4.39 -28.49 -20.22
C THR A 25 4.74 -27.11 -20.77
N PHE A 26 5.17 -26.22 -19.86
CA PHE A 26 5.55 -24.86 -20.22
C PHE A 26 6.39 -24.33 -19.08
N PRO A 27 7.44 -23.53 -19.34
CA PRO A 27 7.97 -23.10 -20.66
C PRO A 27 9.16 -23.90 -21.16
N ASP A 28 9.26 -24.01 -22.50
CA ASP A 28 10.45 -24.54 -23.17
C ASP A 28 11.34 -23.35 -23.50
N THR A 29 12.39 -23.17 -22.70
CA THR A 29 13.27 -22.01 -22.85
C THR A 29 14.37 -22.21 -23.87
N SER A 30 14.26 -23.24 -24.74
CA SER A 30 15.30 -23.47 -25.73
C SER A 30 15.18 -22.52 -26.92
N THR A 31 14.10 -21.73 -26.99
CA THR A 31 13.98 -20.69 -28.01
C THR A 31 13.47 -19.43 -27.33
N TRP A 32 13.76 -18.29 -27.97
CA TRP A 32 13.15 -17.03 -27.59
C TRP A 32 12.68 -16.36 -28.87
N PRO A 33 11.41 -15.92 -28.94
CA PRO A 33 10.36 -16.12 -27.91
C PRO A 33 10.04 -17.59 -27.67
N VAL A 34 9.49 -17.90 -26.50
CA VAL A 34 9.14 -19.27 -26.17
C VAL A 34 7.95 -19.68 -27.02
N VAL A 35 7.97 -20.92 -27.53
CA VAL A 35 6.84 -21.42 -28.31
C VAL A 35 5.89 -22.10 -27.36
N PHE A 36 4.67 -21.62 -27.32
CA PHE A 36 3.66 -22.16 -26.46
C PHE A 36 3.16 -23.46 -27.10
N PRO A 37 3.01 -24.52 -26.30
CA PRO A 37 2.69 -25.83 -26.89
C PRO A 37 1.29 -25.91 -27.44
N GLU A 38 1.13 -26.75 -28.48
CA GLU A 38 -0.21 -27.15 -28.88
C GLU A 38 -0.88 -27.91 -27.76
N LEU A 39 -2.17 -27.66 -27.58
CA LEU A 39 -2.96 -28.29 -26.53
C LEU A 39 -4.03 -29.15 -27.16
N PRO A 40 -4.41 -30.26 -26.51
CA PRO A 40 -5.59 -31.01 -26.96
C PRO A 40 -6.81 -30.11 -27.01
N ALA A 41 -7.63 -30.30 -28.04
CA ALA A 41 -8.87 -29.55 -28.12
C ALA A 41 -9.77 -29.85 -26.94
N ALA A 42 -10.45 -28.82 -26.44
CA ALA A 42 -11.35 -29.02 -25.31
C ALA A 42 -12.61 -29.75 -25.77
N PRO A 43 -13.06 -30.76 -25.02
CA PRO A 43 -14.24 -31.55 -25.44
C PRO A 43 -15.44 -30.70 -25.83
N TYR A 44 -16.02 -29.97 -24.87
CA TYR A 44 -17.17 -29.11 -25.16
C TYR A 44 -16.87 -28.05 -26.21
N GLY A 45 -15.60 -27.79 -26.49
CA GLY A 45 -15.23 -26.64 -27.30
C GLY A 45 -14.94 -25.38 -26.53
N GLY A 46 -14.83 -25.46 -25.20
CA GLY A 46 -14.54 -24.31 -24.39
C GLY A 46 -13.04 -24.04 -24.30
N PRO A 47 -12.62 -23.44 -23.20
CA PRO A 47 -11.17 -23.18 -23.02
C PRO A 47 -10.36 -24.46 -22.90
N CYS A 48 -9.11 -24.39 -23.34
CA CYS A 48 -8.18 -25.50 -23.16
C CYS A 48 -7.62 -25.50 -21.76
N ARG A 49 -7.30 -26.68 -21.26
CA ARG A 49 -6.58 -26.80 -19.99
C ARG A 49 -5.16 -26.29 -20.17
N PRO A 50 -4.67 -25.41 -19.28
CA PRO A 50 -3.34 -24.84 -19.49
C PRO A 50 -2.29 -25.92 -19.38
N PRO A 51 -1.15 -25.74 -20.06
CA PRO A 51 -0.03 -26.66 -19.87
C PRO A 51 0.44 -26.60 -18.43
N GLN A 52 0.89 -27.76 -17.92
CA GLN A 52 1.46 -27.83 -16.59
C GLN A 52 2.88 -27.26 -16.61
N HIS A 53 3.38 -26.94 -15.41
CA HIS A 53 4.76 -26.49 -15.32
C HIS A 53 5.70 -27.60 -15.73
N THR A 54 6.89 -27.22 -16.22
CA THR A 54 7.90 -28.23 -16.59
C THR A 54 8.34 -29.10 -15.40
N SER A 55 8.23 -28.61 -14.16
CA SER A 55 8.49 -29.43 -12.98
C SER A 55 7.40 -30.47 -12.76
N LYS A 56 6.25 -30.31 -13.43
CA LYS A 56 5.04 -31.11 -13.26
C LYS A 56 4.46 -31.02 -11.85
N ALA A 57 4.78 -29.96 -11.11
CA ALA A 57 4.14 -29.76 -9.81
C ALA A 57 2.66 -29.52 -10.01
N ALA A 58 1.87 -29.85 -8.99
CA ALA A 58 0.44 -29.63 -9.06
C ALA A 58 0.04 -28.51 -8.11
N ALA A 59 -1.05 -27.83 -8.46
CA ALA A 59 -1.51 -26.73 -7.62
C ALA A 59 -1.93 -27.22 -6.24
N PRO A 60 -1.68 -26.45 -5.19
CA PRO A 60 -2.13 -26.84 -3.85
C PRO A 60 -3.63 -26.76 -3.70
N ARG A 61 -4.17 -27.63 -2.83
CA ARG A 61 -5.61 -27.64 -2.59
C ARG A 61 -5.93 -26.56 -1.56
N ILE A 62 -6.48 -25.44 -2.03
CA ILE A 62 -6.86 -24.32 -1.18
C ILE A 62 -8.35 -24.14 -1.33
N PRO A 63 -9.13 -24.13 -0.24
CA PRO A 63 -10.59 -23.96 -0.37
C PRO A 63 -10.94 -22.59 -0.92
N ALA A 64 -12.09 -22.52 -1.59
CA ALA A 64 -12.47 -21.28 -2.28
C ALA A 64 -12.55 -20.10 -1.34
N ASP A 65 -12.98 -20.30 -0.10
CA ASP A 65 -13.11 -19.20 0.84
C ASP A 65 -11.78 -18.76 1.45
N ARG A 66 -10.66 -19.38 1.06
CA ARG A 66 -9.36 -18.93 1.50
C ARG A 66 -8.47 -18.57 0.33
N LEU A 67 -8.99 -18.66 -0.88
CA LEU A 67 -8.22 -18.25 -2.06
C LEU A 67 -8.38 -16.77 -2.32
N PRO A 68 -7.34 -16.07 -2.76
CA PRO A 68 -7.52 -14.68 -3.21
C PRO A 68 -8.30 -14.64 -4.52
N ASN A 69 -9.34 -13.84 -4.55
CA ASN A 69 -10.08 -13.62 -5.81
C ASN A 69 -9.22 -12.86 -6.81
N HIS A 70 -8.45 -11.89 -6.31
CA HIS A 70 -7.74 -10.94 -7.16
C HIS A 70 -6.31 -10.82 -6.64
N VAL A 71 -5.36 -11.21 -7.47
CA VAL A 71 -3.94 -11.14 -7.18
C VAL A 71 -3.36 -10.05 -8.07
N ALA A 72 -2.60 -9.13 -7.49
CA ALA A 72 -1.88 -8.12 -8.25
C ALA A 72 -0.39 -8.40 -8.14
N ILE A 73 0.37 -8.26 -9.23
CA ILE A 73 1.80 -8.59 -9.22
C ILE A 73 2.60 -7.45 -9.82
N VAL A 74 3.58 -6.95 -9.09
CA VAL A 74 4.61 -6.06 -9.60
C VAL A 74 5.79 -6.95 -9.99
N MET A 75 6.06 -7.01 -11.32
CA MET A 75 6.99 -7.98 -11.91
C MET A 75 8.41 -7.40 -11.94
N ASP A 76 9.09 -7.49 -10.81
CA ASP A 76 10.28 -6.71 -10.55
C ASP A 76 11.52 -7.60 -10.57
N GLY A 77 12.63 -7.03 -11.01
CA GLY A 77 13.89 -7.74 -10.98
C GLY A 77 14.43 -8.18 -12.32
N ASN A 78 13.82 -7.73 -13.44
CA ASN A 78 14.26 -8.22 -14.77
C ASN A 78 15.63 -7.70 -15.13
N GLY A 79 15.84 -6.39 -14.98
CA GLY A 79 17.13 -5.83 -15.37
C GLY A 79 18.23 -6.34 -14.48
N ARG A 80 17.99 -6.37 -13.16
CA ARG A 80 18.95 -6.90 -12.19
C ARG A 80 19.37 -8.33 -12.52
N TRP A 81 18.41 -9.17 -12.88
CA TRP A 81 18.67 -10.54 -13.27
C TRP A 81 19.66 -10.59 -14.40
N ALA A 82 19.46 -9.72 -15.41
CA ALA A 82 20.37 -9.71 -16.55
C ALA A 82 21.75 -9.16 -16.18
N THR A 83 21.78 -8.04 -15.46
CA THR A 83 23.06 -7.41 -15.14
C THR A 83 23.94 -8.34 -14.34
N GLN A 84 23.34 -9.12 -13.43
CA GLN A 84 24.10 -10.08 -12.61
C GLN A 84 24.79 -11.13 -13.46
N ARG A 85 24.25 -11.40 -14.64
CA ARG A 85 24.76 -12.37 -15.59
C ARG A 85 25.59 -11.74 -16.70
N GLY A 86 25.88 -10.45 -16.59
CA GLY A 86 26.59 -9.74 -17.64
C GLY A 86 25.84 -9.64 -18.96
N LEU A 87 24.51 -9.69 -18.93
CA LEU A 87 23.68 -9.56 -20.11
C LEU A 87 23.07 -8.16 -20.12
N ALA A 88 22.67 -7.72 -21.31
CA ALA A 88 21.93 -6.47 -21.40
C ALA A 88 20.64 -6.53 -20.59
N ARG A 89 20.27 -5.41 -19.95
CA ARG A 89 19.06 -5.39 -19.12
C ARG A 89 17.84 -5.91 -19.87
N THR A 90 17.74 -5.61 -21.17
CA THR A 90 16.57 -6.02 -21.96
C THR A 90 16.44 -7.54 -22.05
N GLU A 91 17.55 -8.27 -21.92
CA GLU A 91 17.44 -9.72 -21.92
C GLU A 91 16.62 -10.24 -20.75
N GLY A 92 16.69 -9.56 -19.59
CA GLY A 92 15.84 -9.95 -18.47
C GLY A 92 14.36 -9.76 -18.76
N HIS A 93 14.00 -8.62 -19.36
CA HIS A 93 12.59 -8.42 -19.73
C HIS A 93 12.12 -9.50 -20.68
N LYS A 94 12.98 -9.84 -21.67
CA LYS A 94 12.65 -10.90 -22.61
C LYS A 94 12.35 -12.20 -21.88
N MET A 95 13.20 -12.56 -20.90
CA MET A 95 12.92 -13.78 -20.13
C MET A 95 11.65 -13.67 -19.31
N GLY A 96 11.25 -12.46 -18.92
CA GLY A 96 10.03 -12.27 -18.14
C GLY A 96 8.75 -12.57 -18.88
N GLU A 97 8.78 -12.54 -20.22
CA GLU A 97 7.56 -12.85 -20.99
C GLU A 97 7.02 -14.26 -20.67
N ALA A 98 7.90 -15.27 -20.73
CA ALA A 98 7.44 -16.61 -20.43
C ALA A 98 6.93 -16.70 -19.00
N VAL A 99 7.52 -15.94 -18.07
CA VAL A 99 7.06 -16.02 -16.69
C VAL A 99 5.63 -15.49 -16.58
N VAL A 100 5.28 -14.42 -17.33
CA VAL A 100 3.89 -13.95 -17.34
C VAL A 100 2.96 -15.09 -17.70
N ILE A 101 3.29 -15.78 -18.80
CA ILE A 101 2.39 -16.83 -19.29
C ILE A 101 2.34 -18.01 -18.32
N ASP A 102 3.50 -18.37 -17.70
CA ASP A 102 3.52 -19.43 -16.70
C ASP A 102 2.65 -19.08 -15.50
N ILE A 103 2.70 -17.83 -15.06
CA ILE A 103 1.91 -17.40 -13.91
C ILE A 103 0.42 -17.34 -14.28
N ALA A 104 0.09 -16.94 -15.51
CA ALA A 104 -1.32 -17.04 -15.91
C ALA A 104 -1.81 -18.49 -15.86
N CYS A 105 -0.99 -19.43 -16.36
CA CYS A 105 -1.36 -20.84 -16.34
C CYS A 105 -1.53 -21.34 -14.92
N GLY A 106 -0.56 -21.00 -14.05
CA GLY A 106 -0.66 -21.42 -12.66
C GLY A 106 -1.84 -20.79 -11.93
N ALA A 107 -2.19 -19.55 -12.30
CA ALA A 107 -3.35 -18.91 -11.69
C ALA A 107 -4.63 -19.63 -12.08
N ILE A 108 -4.73 -20.05 -13.35
CA ILE A 108 -5.89 -20.85 -13.79
C ILE A 108 -5.92 -22.18 -13.04
N GLU A 109 -4.75 -22.83 -12.92
CA GLU A 109 -4.72 -24.12 -12.25
C GLU A 109 -5.17 -24.00 -10.81
N LEU A 110 -4.86 -22.87 -10.16
CA LEU A 110 -5.22 -22.69 -8.76
C LEU A 110 -6.65 -22.21 -8.57
N GLY A 111 -7.24 -21.54 -9.56
CA GLY A 111 -8.57 -21.02 -9.41
C GLY A 111 -8.68 -19.53 -9.17
N ILE A 112 -7.61 -18.77 -9.37
CA ILE A 112 -7.66 -17.32 -9.23
C ILE A 112 -8.48 -16.73 -10.36
N LYS A 113 -9.37 -15.78 -10.05
CA LYS A 113 -10.25 -15.24 -11.09
C LYS A 113 -9.78 -13.91 -11.66
N TRP A 114 -8.95 -13.16 -10.94
CA TRP A 114 -8.50 -11.84 -11.40
C TRP A 114 -7.01 -11.73 -11.18
N LEU A 115 -6.29 -11.24 -12.19
CA LEU A 115 -4.85 -11.07 -12.07
C LEU A 115 -4.48 -9.72 -12.67
N SER A 116 -3.85 -8.85 -11.90
CA SER A 116 -3.43 -7.55 -12.41
C SER A 116 -1.91 -7.56 -12.48
N LEU A 117 -1.36 -7.22 -13.64
CA LEU A 117 0.08 -7.27 -13.86
C LEU A 117 0.63 -5.89 -14.17
N TYR A 118 1.67 -5.46 -13.44
CA TYR A 118 2.24 -4.12 -13.66
C TYR A 118 3.29 -4.21 -14.74
N ALA A 119 2.87 -4.02 -15.97
CA ALA A 119 3.76 -4.18 -17.11
C ALA A 119 4.54 -2.93 -17.45
N PHE A 120 4.04 -1.74 -17.17
CA PHE A 120 4.80 -0.52 -17.43
C PHE A 120 4.23 0.57 -16.54
N SER A 121 5.05 1.10 -15.65
CA SER A 121 4.62 2.17 -14.77
C SER A 121 4.79 3.53 -15.43
N THR A 122 3.99 4.51 -15.01
CA THR A 122 4.22 5.89 -15.42
C THR A 122 5.61 6.39 -14.98
N GLU A 123 6.17 5.78 -13.93
CA GLU A 123 7.53 6.14 -13.52
C GLU A 123 8.56 5.82 -14.58
N ASN A 124 8.24 4.89 -15.48
CA ASN A 124 9.26 4.39 -16.35
C ASN A 124 9.62 5.42 -17.41
N TRP A 125 8.84 6.53 -17.53
CA TRP A 125 9.29 7.62 -18.41
C TRP A 125 10.59 8.27 -17.94
N LYS A 126 11.03 8.02 -16.72
CA LYS A 126 12.35 8.50 -16.27
C LYS A 126 13.48 7.67 -16.82
N ARG A 127 13.19 6.52 -17.44
CA ARG A 127 14.28 5.68 -17.93
C ARG A 127 14.85 6.26 -19.21
N SER A 128 15.94 5.66 -19.68
CA SER A 128 16.49 6.19 -20.92
C SER A 128 15.44 6.01 -22.02
N PRO A 129 15.32 6.96 -22.95
CA PRO A 129 14.35 6.78 -24.04
C PRO A 129 14.59 5.50 -24.83
N GLU A 130 15.83 5.02 -24.96
CA GLU A 130 16.06 3.73 -25.64
C GLU A 130 15.41 2.58 -24.90
N GLU A 131 15.54 2.53 -23.57
CA GLU A 131 14.91 1.44 -22.82
C GLU A 131 13.39 1.59 -22.86
N VAL A 132 12.89 2.83 -22.84
CA VAL A 132 11.43 3.02 -22.94
C VAL A 132 10.92 2.53 -24.28
N ARG A 133 11.64 2.85 -25.36
CA ARG A 133 11.22 2.37 -26.68
C ARG A 133 11.21 0.85 -26.72
N PHE A 134 12.25 0.23 -26.16
CA PHE A 134 12.25 -1.22 -26.06
C PHE A 134 11.00 -1.70 -25.32
N LEU A 135 10.70 -1.11 -24.16
CA LEU A 135 9.61 -1.60 -23.33
C LEU A 135 8.26 -1.39 -23.98
N MET A 136 8.05 -0.27 -24.67
CA MET A 136 6.81 -0.08 -25.42
C MET A 136 6.66 -1.16 -26.48
N GLY A 137 7.68 -1.31 -27.30
CA GLY A 137 7.61 -2.28 -28.40
C GLY A 137 7.49 -3.70 -27.87
N PHE A 138 8.15 -3.99 -26.76
CA PHE A 138 8.11 -5.33 -26.21
C PHE A 138 6.72 -5.65 -25.68
N ASN A 139 6.09 -4.70 -24.97
CA ASN A 139 4.73 -4.97 -24.51
C ASN A 139 3.76 -5.12 -25.68
N ARG A 140 3.90 -4.27 -26.71
CA ARG A 140 3.12 -4.45 -27.93
C ARG A 140 3.29 -5.87 -28.47
N ASP A 141 4.55 -6.31 -28.58
CA ASP A 141 4.87 -7.60 -29.17
C ASP A 141 4.36 -8.76 -28.32
N VAL A 142 4.46 -8.66 -27.00
CA VAL A 142 3.99 -9.73 -26.12
C VAL A 142 2.49 -9.92 -26.30
N VAL A 143 1.73 -8.81 -26.29
CA VAL A 143 0.29 -8.95 -26.49
C VAL A 143 -0.01 -9.56 -27.85
N ARG A 144 0.65 -9.04 -28.90
CA ARG A 144 0.40 -9.57 -30.25
C ARG A 144 0.74 -11.07 -30.33
N ARG A 145 1.84 -11.47 -29.71
CA ARG A 145 2.34 -12.84 -29.77
C ARG A 145 1.48 -13.80 -28.96
N ARG A 146 0.89 -13.33 -27.86
CA ARG A 146 0.25 -14.23 -26.92
C ARG A 146 -1.26 -14.11 -26.93
N ARG A 147 -1.85 -13.19 -27.70
CA ARG A 147 -3.28 -13.00 -27.57
C ARG A 147 -4.08 -14.26 -27.94
N ASP A 148 -3.66 -15.02 -28.96
CA ASP A 148 -4.43 -16.21 -29.32
C ASP A 148 -4.29 -17.32 -28.28
N THR A 149 -3.10 -17.50 -27.71
CA THR A 149 -2.94 -18.42 -26.58
C THR A 149 -3.86 -18.02 -25.42
N LEU A 150 -3.85 -16.73 -25.06
CA LEU A 150 -4.69 -16.30 -23.95
C LEU A 150 -6.16 -16.56 -24.26
N LYS A 151 -6.57 -16.28 -25.51
CA LYS A 151 -7.97 -16.52 -25.89
C LYS A 151 -8.31 -18.00 -25.69
N LYS A 152 -7.41 -18.89 -26.13
CA LYS A 152 -7.64 -20.33 -26.06
C LYS A 152 -7.76 -20.83 -24.64
N LEU A 153 -7.09 -20.17 -23.69
CA LEU A 153 -7.12 -20.56 -22.29
C LEU A 153 -8.31 -19.99 -21.55
N GLY A 154 -9.17 -19.21 -22.22
CA GLY A 154 -10.27 -18.61 -21.52
C GLY A 154 -9.92 -17.34 -20.79
N VAL A 155 -8.77 -16.73 -21.09
CA VAL A 155 -8.38 -15.47 -20.47
C VAL A 155 -9.12 -14.32 -21.13
N ARG A 156 -9.65 -13.43 -20.29
CA ARG A 156 -10.14 -12.11 -20.73
C ARG A 156 -9.04 -11.10 -20.40
N ILE A 157 -8.47 -10.45 -21.41
CA ILE A 157 -7.37 -9.52 -21.15
C ILE A 157 -7.75 -8.15 -21.67
N ARG A 158 -7.33 -7.10 -20.95
CA ARG A 158 -7.55 -5.75 -21.48
C ARG A 158 -6.54 -4.79 -20.86
N TRP A 159 -6.40 -3.63 -21.51
CA TRP A 159 -5.49 -2.58 -21.04
C TRP A 159 -6.07 -1.86 -19.83
N VAL A 160 -5.20 -1.60 -18.84
CA VAL A 160 -5.48 -0.60 -17.82
C VAL A 160 -4.30 0.37 -17.78
N GLY A 161 -4.58 1.66 -17.86
CA GLY A 161 -3.49 2.62 -17.83
C GLY A 161 -3.95 3.98 -18.32
N SER A 162 -2.96 4.86 -18.46
CA SER A 162 -3.15 6.26 -18.80
C SER A 162 -2.70 6.54 -20.22
N ARG A 163 -3.40 7.46 -20.90
CA ARG A 163 -3.13 7.73 -22.31
C ARG A 163 -1.89 8.58 -22.60
N PRO A 164 -1.61 9.68 -21.89
CA PRO A 164 -0.54 10.58 -22.38
C PRO A 164 0.79 9.86 -22.51
N ARG A 165 1.39 9.99 -23.70
CA ARG A 165 2.70 9.45 -24.05
C ARG A 165 2.67 7.98 -24.47
N LEU A 166 1.64 7.23 -24.10
CA LEU A 166 1.63 5.80 -24.45
C LEU A 166 1.44 5.61 -25.95
N TRP A 167 2.22 4.70 -26.52
CA TRP A 167 2.15 4.47 -27.97
C TRP A 167 0.76 4.02 -28.37
N ARG A 168 0.24 4.64 -29.42
CA ARG A 168 -1.05 4.23 -29.98
C ARG A 168 -1.03 2.74 -30.34
N SER A 169 0.11 2.24 -30.84
CA SER A 169 0.16 0.83 -31.22
C SER A 169 -0.07 -0.10 -30.04
N VAL A 170 0.38 0.28 -28.83
CA VAL A 170 0.15 -0.55 -27.65
C VAL A 170 -1.32 -0.53 -27.24
N ILE A 171 -1.94 0.67 -27.19
CA ILE A 171 -3.34 0.77 -26.86
C ILE A 171 -4.17 -0.04 -27.85
N ASN A 172 -3.82 0.08 -29.14
CA ASN A 172 -4.65 -0.57 -30.15
C ASN A 172 -4.45 -2.08 -30.12
N GLU A 173 -3.22 -2.56 -29.89
CA GLU A 173 -2.98 -4.00 -29.80
C GLU A 173 -3.77 -4.60 -28.63
N LEU A 174 -3.77 -3.90 -27.49
CA LEU A 174 -4.58 -4.38 -26.37
C LEU A 174 -6.08 -4.28 -26.65
N ALA A 175 -6.52 -3.26 -27.39
CA ALA A 175 -7.94 -3.16 -27.69
C ALA A 175 -8.39 -4.33 -28.55
N VAL A 176 -7.54 -4.78 -29.47
CA VAL A 176 -7.88 -5.95 -30.27
C VAL A 176 -7.97 -7.17 -29.38
N ALA A 177 -6.96 -7.35 -28.50
CA ALA A 177 -7.01 -8.49 -27.58
C ALA A 177 -8.26 -8.45 -26.69
N GLU A 178 -8.64 -7.25 -26.22
CA GLU A 178 -9.85 -7.10 -25.41
C GLU A 178 -11.09 -7.53 -26.18
N GLU A 179 -11.20 -7.10 -27.44
CA GLU A 179 -12.38 -7.45 -28.23
C GLU A 179 -12.41 -8.95 -28.49
N MET A 180 -11.25 -9.55 -28.76
CA MET A 180 -11.19 -10.97 -29.03
C MET A 180 -11.44 -11.84 -27.80
N THR A 181 -11.26 -11.30 -26.58
CA THR A 181 -11.39 -12.14 -25.38
C THR A 181 -12.53 -11.68 -24.49
N LYS A 182 -13.37 -10.78 -24.99
CA LYS A 182 -14.37 -10.09 -24.15
C LYS A 182 -15.33 -11.06 -23.48
N SER A 183 -15.63 -12.18 -24.15
CA SER A 183 -16.59 -13.14 -23.59
C SER A 183 -15.95 -14.24 -22.79
N ASN A 184 -14.63 -14.26 -22.69
CA ASN A 184 -13.98 -15.28 -21.89
C ASN A 184 -14.22 -15.03 -20.40
N ASP A 185 -14.18 -16.11 -19.61
CA ASP A 185 -14.44 -15.93 -18.19
C ASP A 185 -13.66 -16.88 -17.28
N VAL A 186 -12.58 -17.52 -17.74
CA VAL A 186 -11.78 -18.36 -16.83
C VAL A 186 -11.03 -17.48 -15.85
N ILE A 187 -10.41 -16.42 -16.36
CA ILE A 187 -9.64 -15.50 -15.53
C ILE A 187 -9.60 -14.20 -16.30
N THR A 188 -9.58 -13.07 -15.58
CA THR A 188 -9.41 -11.77 -16.21
C THR A 188 -8.02 -11.26 -15.88
N ILE A 189 -7.29 -10.80 -16.90
CA ILE A 189 -6.00 -10.18 -16.69
C ILE A 189 -6.11 -8.70 -17.02
N ASN A 190 -5.80 -7.87 -16.02
CA ASN A 190 -5.64 -6.43 -16.23
C ASN A 190 -4.17 -6.24 -16.59
N TYR A 191 -3.89 -5.89 -17.86
CA TYR A 191 -2.51 -5.75 -18.34
C TYR A 191 -2.21 -4.25 -18.25
N CYS A 192 -1.44 -3.87 -17.21
CA CYS A 192 -1.41 -2.46 -16.80
C CYS A 192 -0.19 -1.82 -17.43
N VAL A 193 -0.44 -0.91 -18.38
CA VAL A 193 0.62 -0.31 -19.19
C VAL A 193 0.47 1.20 -19.15
N ASN A 194 1.54 1.88 -18.76
CA ASN A 194 1.50 3.31 -18.48
C ASN A 194 0.50 3.58 -17.38
N TYR A 195 0.57 2.76 -16.34
CA TYR A 195 -0.38 2.81 -15.25
C TYR A 195 0.22 3.52 -14.03
N GLY A 196 -0.60 4.34 -13.36
CA GLY A 196 -0.20 4.88 -12.07
C GLY A 196 -1.44 5.12 -11.26
N GLY A 197 -1.45 4.66 -10.01
CA GLY A 197 -2.68 4.68 -9.22
C GLY A 197 -3.18 6.08 -8.92
N ARG A 198 -2.27 7.00 -8.55
CA ARG A 198 -2.69 8.38 -8.35
C ARG A 198 -3.25 8.94 -9.64
N THR A 199 -2.60 8.64 -10.78
CA THR A 199 -3.06 9.17 -12.06
C THR A 199 -4.44 8.64 -12.40
N GLU A 200 -4.66 7.35 -12.16
CA GLU A 200 -6.00 6.74 -12.37
C GLU A 200 -7.08 7.43 -11.55
N ILE A 201 -6.81 7.69 -10.28
CA ILE A 201 -7.76 8.40 -9.43
C ILE A 201 -7.98 9.80 -9.97
N THR A 202 -6.90 10.46 -10.40
CA THR A 202 -7.03 11.81 -10.95
C THR A 202 -7.93 11.83 -12.17
N GLU A 203 -7.80 10.84 -13.04
CA GLU A 203 -8.64 10.77 -14.23
C GLU A 203 -10.10 10.49 -13.87
N ALA A 204 -10.34 9.69 -12.81
CA ALA A 204 -11.71 9.53 -12.32
C ALA A 204 -12.26 10.85 -11.81
N THR A 205 -11.44 11.60 -11.08
CA THR A 205 -11.87 12.90 -10.58
C THR A 205 -12.17 13.87 -11.73
N ARG A 206 -11.36 13.84 -12.81
CA ARG A 206 -11.63 14.66 -13.99
C ARG A 206 -12.97 14.31 -14.61
N GLU A 207 -13.24 13.01 -14.74
CA GLU A 207 -14.52 12.62 -15.34
C GLU A 207 -15.69 13.06 -14.48
N ILE A 208 -15.57 12.90 -13.16
CA ILE A 208 -16.57 13.42 -12.23
C ILE A 208 -16.75 14.91 -12.42
N ALA A 209 -15.63 15.63 -12.58
CA ALA A 209 -15.69 17.08 -12.77
C ALA A 209 -16.39 17.46 -14.07
N ARG A 210 -16.18 16.68 -15.13
CA ARG A 210 -16.88 16.93 -16.41
C ARG A 210 -18.37 16.74 -16.22
N GLU A 211 -18.77 15.70 -15.49
CA GLU A 211 -20.20 15.51 -15.27
C GLU A 211 -20.80 16.64 -14.44
N VAL A 212 -20.06 17.14 -13.45
CA VAL A 212 -20.53 18.26 -12.65
C VAL A 212 -20.67 19.51 -13.51
N ALA A 213 -19.65 19.80 -14.32
CA ALA A 213 -19.71 20.98 -15.19
C ALA A 213 -20.92 20.91 -16.11
N ALA A 214 -21.25 19.71 -16.60
CA ALA A 214 -22.36 19.54 -17.54
C ALA A 214 -23.71 19.46 -16.86
N GLY A 215 -23.77 19.52 -15.54
CA GLY A 215 -25.02 19.43 -14.82
C GLY A 215 -25.57 18.04 -14.67
N ARG A 216 -24.76 17.01 -14.97
CA ARG A 216 -25.20 15.63 -14.85
C ARG A 216 -24.93 15.02 -13.48
N LEU A 217 -24.19 15.71 -12.61
CA LEU A 217 -23.85 15.17 -11.30
C LEU A 217 -23.81 16.31 -10.29
N ASN A 218 -24.51 16.11 -9.17
CA ASN A 218 -24.47 17.05 -8.05
C ASN A 218 -23.25 16.73 -7.19
N PRO A 219 -22.36 17.71 -6.93
CA PRO A 219 -21.18 17.43 -6.10
C PRO A 219 -21.52 16.79 -4.78
N GLU A 220 -22.68 17.11 -4.21
CA GLU A 220 -22.95 16.58 -2.88
C GLU A 220 -23.32 15.11 -2.91
N ARG A 221 -23.52 14.54 -4.09
CA ARG A 221 -23.83 13.13 -4.19
C ARG A 221 -22.59 12.26 -4.38
N ILE A 222 -21.40 12.87 -4.41
CA ILE A 222 -20.17 12.10 -4.60
C ILE A 222 -19.84 11.31 -3.35
N THR A 223 -19.64 10.01 -3.51
CA THR A 223 -19.23 9.09 -2.46
C THR A 223 -18.03 8.31 -2.94
N GLU A 224 -17.54 7.41 -2.07
CA GLU A 224 -16.45 6.52 -2.48
C GLU A 224 -16.83 5.68 -3.68
N SER A 225 -18.11 5.27 -3.75
CA SER A 225 -18.59 4.51 -4.88
C SER A 225 -18.57 5.32 -6.16
N THR A 226 -18.85 6.63 -6.09
CA THR A 226 -18.73 7.48 -7.28
C THR A 226 -17.32 7.43 -7.86
N ILE A 227 -16.30 7.51 -6.98
CA ILE A 227 -14.93 7.40 -7.48
C ILE A 227 -14.76 6.06 -8.14
N ALA A 228 -15.13 4.99 -7.43
CA ALA A 228 -14.91 3.64 -7.96
C ALA A 228 -15.57 3.45 -9.31
N ARG A 229 -16.78 4.02 -9.48
CA ARG A 229 -17.53 3.85 -10.72
C ARG A 229 -16.95 4.65 -11.86
N HIS A 230 -16.09 5.62 -11.55
CA HIS A 230 -15.48 6.44 -12.59
C HIS A 230 -14.02 6.11 -12.84
N LEU A 231 -13.47 5.07 -12.19
CA LEU A 231 -12.17 4.57 -12.60
C LEU A 231 -12.26 4.00 -14.00
N GLN A 232 -11.11 3.90 -14.68
CA GLN A 232 -11.10 3.45 -16.06
C GLN A 232 -11.85 2.13 -16.26
N ARG A 233 -11.59 1.16 -15.37
CA ARG A 233 -12.19 -0.18 -15.46
C ARG A 233 -12.92 -0.42 -14.15
N PRO A 234 -14.16 0.05 -14.05
CA PRO A 234 -14.87 -0.05 -12.76
C PRO A 234 -15.29 -1.46 -12.35
N ASP A 235 -15.11 -2.45 -13.23
CA ASP A 235 -15.39 -3.83 -12.89
C ASP A 235 -14.25 -4.52 -12.12
N ILE A 236 -13.13 -3.86 -11.91
CA ILE A 236 -12.01 -4.51 -11.22
C ILE A 236 -12.34 -4.61 -9.74
N PRO A 237 -12.31 -5.79 -9.15
CA PRO A 237 -12.58 -5.90 -7.71
C PRO A 237 -11.36 -5.48 -6.90
N ASP A 238 -11.60 -5.29 -5.61
CA ASP A 238 -10.50 -5.02 -4.70
C ASP A 238 -9.42 -6.08 -4.86
N VAL A 239 -8.16 -5.67 -4.68
CA VAL A 239 -7.04 -6.62 -4.67
C VAL A 239 -7.01 -7.33 -3.33
N ASP A 240 -6.97 -8.66 -3.36
CA ASP A 240 -6.88 -9.44 -2.13
C ASP A 240 -5.45 -9.72 -1.74
N LEU A 241 -4.59 -9.99 -2.74
CA LEU A 241 -3.20 -10.38 -2.49
C LEU A 241 -2.34 -9.57 -3.43
N PHE A 242 -1.38 -8.84 -2.86
CA PHE A 242 -0.45 -7.97 -3.61
C PHE A 242 0.93 -8.59 -3.51
N LEU A 243 1.50 -8.97 -4.66
CA LEU A 243 2.81 -9.57 -4.74
C LEU A 243 3.78 -8.64 -5.42
N ARG A 244 5.04 -8.68 -4.96
CA ARG A 244 6.10 -8.03 -5.69
C ARG A 244 7.37 -8.83 -5.51
N THR A 245 8.09 -9.04 -6.61
CA THR A 245 9.35 -9.79 -6.57
C THR A 245 10.55 -8.86 -6.38
N SER A 246 11.72 -9.48 -6.20
CA SER A 246 13.06 -8.84 -6.06
C SER A 246 13.28 -8.30 -4.67
N GLY A 247 12.38 -8.56 -3.71
CA GLY A 247 12.66 -8.11 -2.35
C GLY A 247 12.27 -6.68 -2.06
N GLU A 248 11.82 -5.94 -3.05
CA GLU A 248 11.42 -4.56 -2.82
C GLU A 248 10.07 -4.54 -2.14
N GLN A 249 9.95 -3.81 -1.04
CA GLN A 249 8.68 -3.81 -0.30
C GLN A 249 7.99 -2.47 -0.47
N ARG A 250 7.46 -2.27 -1.68
CA ARG A 250 6.75 -1.05 -2.05
C ARG A 250 5.63 -1.47 -2.97
N SER A 251 4.51 -0.76 -2.86
CA SER A 251 3.49 -0.98 -3.86
C SER A 251 3.71 -0.14 -5.11
N SER A 252 4.51 0.91 -5.00
CA SER A 252 4.88 1.76 -6.16
C SER A 252 3.66 2.14 -6.98
N ASN A 253 2.61 2.58 -6.29
CA ASN A 253 1.46 3.25 -6.91
C ASN A 253 0.67 2.26 -7.76
N PHE A 254 0.79 0.95 -7.54
CA PHE A 254 0.07 -0.02 -8.36
C PHE A 254 -1.26 -0.38 -7.73
N MET A 255 -2.32 -0.34 -8.53
CA MET A 255 -3.66 -0.65 -8.01
C MET A 255 -3.95 0.11 -6.72
N LEU A 256 -3.70 1.42 -6.73
CA LEU A 256 -3.67 2.19 -5.49
C LEU A 256 -5.03 2.19 -4.81
N TRP A 257 -6.08 2.56 -5.55
CA TRP A 257 -7.41 2.55 -4.96
C TRP A 257 -7.83 1.14 -4.58
N GLN A 258 -7.59 0.18 -5.49
CA GLN A 258 -8.12 -1.17 -5.36
C GLN A 258 -7.42 -1.99 -4.28
N ALA A 259 -6.19 -1.66 -3.91
CA ALA A 259 -5.40 -2.47 -2.98
C ALA A 259 -5.39 -1.89 -1.56
N ALA A 260 -6.29 -0.96 -1.25
CA ALA A 260 -6.34 -0.38 0.09
C ALA A 260 -6.39 -1.41 1.22
N TYR A 261 -7.06 -2.55 1.02
CA TYR A 261 -7.10 -3.60 2.05
C TYR A 261 -6.40 -4.88 1.62
N ALA A 262 -5.54 -4.80 0.61
CA ALA A 262 -4.86 -6.00 0.16
C ALA A 262 -3.89 -6.52 1.23
N GLU A 263 -3.70 -7.83 1.22
CA GLU A 263 -2.58 -8.46 1.90
C GLU A 263 -1.32 -8.34 1.07
N TYR A 264 -0.19 -7.96 1.69
CA TYR A 264 1.08 -7.90 0.98
C TYR A 264 1.90 -9.16 1.26
N ILE A 265 2.43 -9.77 0.21
CA ILE A 265 3.44 -10.83 0.35
C ILE A 265 4.59 -10.49 -0.58
N PHE A 266 5.65 -9.94 -0.01
CA PHE A 266 6.82 -9.52 -0.76
C PHE A 266 7.82 -10.68 -0.82
N GLN A 267 8.22 -11.07 -2.03
CA GLN A 267 9.05 -12.24 -2.27
C GLN A 267 10.40 -11.81 -2.84
N ASP A 268 11.46 -12.50 -2.44
CA ASP A 268 12.81 -12.08 -2.82
C ASP A 268 13.24 -12.47 -4.24
N LYS A 269 12.70 -13.53 -4.83
CA LYS A 269 13.16 -13.97 -6.16
C LYS A 269 13.01 -12.86 -7.18
N LEU A 270 13.96 -12.81 -8.14
CA LEU A 270 13.81 -11.94 -9.29
C LEU A 270 12.77 -12.50 -10.26
N TRP A 271 12.05 -11.59 -10.96
CA TRP A 271 10.96 -12.05 -11.82
C TRP A 271 11.41 -13.10 -12.84
N PRO A 272 12.54 -12.97 -13.56
CA PRO A 272 12.87 -14.02 -14.54
C PRO A 272 13.11 -15.38 -13.93
N ASP A 273 13.31 -15.46 -12.60
CA ASP A 273 13.48 -16.75 -11.91
C ASP A 273 12.18 -17.27 -11.33
N TYR A 274 11.11 -16.47 -11.40
CA TYR A 274 9.87 -16.82 -10.73
C TYR A 274 9.13 -17.88 -11.55
N ASP A 275 8.36 -18.71 -10.87
CA ASP A 275 7.47 -19.61 -11.61
C ASP A 275 6.18 -19.84 -10.83
N ARG A 276 5.26 -20.60 -11.42
CA ARG A 276 3.94 -20.72 -10.82
C ARG A 276 3.97 -21.32 -9.42
N ARG A 277 5.02 -22.11 -9.08
CA ARG A 277 5.10 -22.63 -7.72
C ARG A 277 5.31 -21.52 -6.71
N ASP A 278 5.96 -20.42 -7.11
CA ASP A 278 6.16 -19.28 -6.21
C ASP A 278 4.86 -18.52 -5.99
N LEU A 279 4.06 -18.40 -7.05
CA LEU A 279 2.72 -17.86 -6.90
C LEU A 279 1.90 -18.70 -5.94
N TRP A 280 1.93 -20.03 -6.14
CA TRP A 280 1.17 -20.91 -5.27
C TRP A 280 1.63 -20.80 -3.82
N ALA A 281 2.95 -20.70 -3.59
CA ALA A 281 3.44 -20.57 -2.21
C ALA A 281 2.90 -19.31 -1.55
N ALA A 282 2.89 -18.20 -2.29
CA ALA A 282 2.36 -16.98 -1.71
C ALA A 282 0.87 -17.14 -1.42
N CYS A 283 0.15 -17.84 -2.31
CA CYS A 283 -1.28 -18.04 -2.07
C CYS A 283 -1.55 -18.94 -0.86
N GLU A 284 -0.71 -19.95 -0.61
CA GLU A 284 -0.84 -20.77 0.61
C GLU A 284 -0.60 -19.93 1.86
N GLU A 285 0.38 -19.03 1.80
CA GLU A 285 0.59 -18.11 2.92
C GLU A 285 -0.63 -17.20 3.14
N TYR A 286 -1.16 -16.65 2.06
CA TYR A 286 -2.38 -15.85 2.15
C TYR A 286 -3.50 -16.62 2.83
N ALA A 287 -3.69 -17.89 2.42
CA ALA A 287 -4.78 -18.67 2.95
C ALA A 287 -4.64 -18.88 4.46
N SER A 288 -3.42 -18.84 4.99
CA SER A 288 -3.25 -18.98 6.44
C SER A 288 -3.60 -17.72 7.25
N ARG A 289 -3.74 -16.57 6.60
CA ARG A 289 -3.99 -15.27 7.23
C ARG A 289 -5.47 -15.00 7.50
N THR A 290 -5.71 -14.10 8.46
CA THR A 290 -7.06 -13.62 8.79
C THR A 290 -7.21 -12.15 8.41
N ARG A 291 -8.23 -11.84 7.62
CA ARG A 291 -8.53 -10.49 7.17
C ARG A 291 -9.76 -9.99 7.92
N ARG A 292 -9.67 -8.78 8.47
CA ARG A 292 -10.77 -8.25 9.27
C ARG A 292 -11.41 -7.01 8.69
N PHE A 293 -10.70 -6.23 7.87
CA PHE A 293 -11.32 -5.08 7.19
C PHE A 293 -11.85 -4.06 8.20
N GLY A 294 -11.15 -3.94 9.35
CA GLY A 294 -11.48 -2.96 10.35
C GLY A 294 -12.48 -3.46 11.41
N SER A 295 -13.02 -4.67 11.24
CA SER A 295 -13.97 -5.24 12.20
C SER A 295 -13.26 -6.03 13.30
N ALA A 296 -13.98 -6.27 14.40
CA ALA A 296 -13.49 -7.02 15.57
C ALA A 296 -12.35 -6.31 16.29
N ASN B 12 24.03 16.12 7.57
CA ASN B 12 24.52 16.03 8.94
C ASN B 12 23.85 14.87 9.66
N PHE B 13 24.08 14.81 10.96
CA PHE B 13 23.53 13.77 11.82
C PHE B 13 22.62 14.44 12.83
N PRO B 14 21.35 14.44 12.57
CA PRO B 14 20.40 15.26 13.33
C PRO B 14 19.89 14.59 14.58
N GLN B 15 20.55 13.55 15.03
CA GLN B 15 20.10 12.95 16.28
C GLN B 15 20.49 13.80 17.47
N LEU B 16 19.65 13.75 18.51
CA LEU B 16 20.08 14.25 19.80
C LEU B 16 21.18 13.32 20.33
N PRO B 17 22.23 13.87 20.91
CA PRO B 17 23.25 13.03 21.54
C PRO B 17 22.69 12.26 22.73
N PRO B 18 23.37 11.19 23.16
CA PRO B 18 22.89 10.45 24.32
C PRO B 18 22.65 11.39 25.49
N ALA B 19 21.64 11.10 26.26
CA ALA B 19 21.29 11.93 27.37
C ALA B 19 22.26 11.68 28.51
N PRO B 20 22.41 12.64 29.44
CA PRO B 20 23.10 12.34 30.69
C PRO B 20 22.48 11.10 31.34
N ASP B 21 23.31 10.36 32.05
CA ASP B 21 22.84 9.15 32.71
C ASP B 21 21.67 9.43 33.64
N ASP B 22 21.62 10.62 34.26
CA ASP B 22 20.57 10.95 35.22
C ASP B 22 19.43 11.74 34.60
N TYR B 23 19.41 11.86 33.27
CA TYR B 23 18.29 12.52 32.62
C TYR B 23 17.04 11.66 32.79
N PRO B 24 15.87 12.27 32.98
CA PRO B 24 14.65 11.48 33.21
C PRO B 24 14.42 10.43 32.13
N THR B 25 13.81 9.31 32.55
CA THR B 25 13.46 8.24 31.61
C THR B 25 11.95 8.15 31.46
N PHE B 26 11.53 7.37 30.44
CA PHE B 26 10.13 7.15 30.15
C PHE B 26 10.05 5.94 29.24
N PRO B 27 9.01 5.08 29.35
CA PRO B 27 7.89 5.12 30.30
C PRO B 27 8.04 4.14 31.45
N ASP B 28 7.50 4.51 32.59
CA ASP B 28 7.31 3.60 33.73
C ASP B 28 5.87 3.11 33.66
N THR B 29 5.67 1.89 33.16
CA THR B 29 4.30 1.40 32.97
C THR B 29 3.74 0.73 34.23
N SER B 30 4.30 0.99 35.41
CA SER B 30 3.81 0.40 36.64
C SER B 30 2.58 1.11 37.20
N THR B 31 2.19 2.25 36.62
CA THR B 31 0.96 2.94 36.97
C THR B 31 0.24 3.33 35.68
N TRP B 32 -1.06 3.58 35.79
CA TRP B 32 -1.83 4.09 34.63
C TRP B 32 -2.78 5.17 35.15
N PRO B 33 -2.88 6.33 34.47
CA PRO B 33 -2.08 6.74 33.32
C PRO B 33 -0.62 6.85 33.68
N VAL B 34 0.22 6.65 32.67
CA VAL B 34 1.65 6.68 32.96
C VAL B 34 2.06 8.11 33.26
N VAL B 35 3.01 8.25 34.19
CA VAL B 35 3.51 9.56 34.55
C VAL B 35 4.56 10.02 33.55
N PHE B 36 4.38 11.23 33.01
CA PHE B 36 5.44 11.80 32.17
C PHE B 36 6.33 12.67 33.08
N PRO B 37 7.64 12.47 33.06
CA PRO B 37 8.51 13.15 34.05
C PRO B 37 8.61 14.64 33.81
N GLU B 38 8.81 15.37 34.92
CA GLU B 38 9.30 16.74 34.84
C GLU B 38 10.65 16.75 34.14
N LEU B 39 10.85 17.76 33.27
CA LEU B 39 12.06 17.93 32.47
C LEU B 39 12.73 19.27 32.77
N PRO B 40 14.06 19.33 32.75
CA PRO B 40 14.76 20.62 32.87
C PRO B 40 14.35 21.60 31.79
N ALA B 41 14.25 22.87 32.19
CA ALA B 41 13.97 23.92 31.22
C ALA B 41 15.06 23.98 30.17
N ALA B 42 14.64 24.22 28.92
CA ALA B 42 15.52 24.39 27.79
C ALA B 42 16.17 25.77 27.81
N PRO B 43 17.48 25.85 27.53
CA PRO B 43 18.20 27.13 27.60
C PRO B 43 17.50 28.29 26.91
N TYR B 44 17.34 28.20 25.59
CA TYR B 44 16.67 29.25 24.84
C TYR B 44 15.26 29.55 25.35
N GLY B 45 14.69 28.65 26.15
CA GLY B 45 13.28 28.70 26.47
C GLY B 45 12.43 27.93 25.49
N GLY B 46 13.07 27.16 24.62
CA GLY B 46 12.37 26.40 23.60
C GLY B 46 11.92 25.05 24.10
N PRO B 47 11.81 24.11 23.17
CA PRO B 47 11.34 22.76 23.53
C PRO B 47 12.32 22.06 24.46
N CYS B 48 11.76 21.23 25.35
CA CYS B 48 12.57 20.41 26.24
C CYS B 48 13.08 19.17 25.54
N ARG B 49 14.26 18.73 25.98
CA ARG B 49 14.80 17.49 25.47
C ARG B 49 13.93 16.34 25.99
N PRO B 50 13.46 15.42 25.14
CA PRO B 50 12.56 14.36 25.63
C PRO B 50 13.26 13.46 26.62
N PRO B 51 12.53 12.84 27.53
CA PRO B 51 13.13 11.82 28.39
C PRO B 51 13.67 10.69 27.53
N GLN B 52 14.80 10.12 27.98
CA GLN B 52 15.37 8.96 27.30
C GLN B 52 14.55 7.72 27.66
N HIS B 53 14.70 6.68 26.87
CA HIS B 53 14.00 5.44 27.17
C HIS B 53 14.49 4.87 28.50
N THR B 54 13.62 4.10 29.16
CA THR B 54 14.01 3.40 30.38
C THR B 54 15.32 2.63 30.24
N SER B 55 15.61 2.09 29.06
CA SER B 55 16.82 1.33 28.79
C SER B 55 18.05 2.22 28.62
N LYS B 56 17.85 3.53 28.51
CA LYS B 56 18.88 4.53 28.27
C LYS B 56 19.58 4.33 26.94
N ALA B 57 18.97 3.59 26.01
CA ALA B 57 19.51 3.48 24.67
C ALA B 57 19.49 4.85 24.00
N ALA B 58 20.45 5.09 23.11
CA ALA B 58 20.49 6.35 22.37
C ALA B 58 20.16 6.08 20.92
N ALA B 59 19.63 7.10 20.26
CA ALA B 59 19.23 6.93 18.86
C ALA B 59 20.43 6.62 17.97
N PRO B 60 20.27 5.78 16.95
CA PRO B 60 21.37 5.46 16.07
C PRO B 60 21.75 6.66 15.24
N ARG B 61 23.04 6.72 14.87
CA ARG B 61 23.52 7.80 14.03
C ARG B 61 23.19 7.47 12.59
N ILE B 62 22.18 8.13 12.04
CA ILE B 62 21.74 7.93 10.66
C ILE B 62 21.83 9.29 9.97
N PRO B 63 22.53 9.40 8.85
CA PRO B 63 22.66 10.71 8.22
C PRO B 63 21.33 11.18 7.69
N ALA B 64 21.16 12.51 7.67
CA ALA B 64 19.84 13.07 7.39
C ALA B 64 19.32 12.67 6.01
N ASP B 65 20.20 12.54 5.02
CA ASP B 65 19.77 12.14 3.69
C ASP B 65 19.27 10.71 3.63
N ARG B 66 19.54 9.88 4.63
CA ARG B 66 19.11 8.49 4.64
C ARG B 66 17.90 8.27 5.54
N LEU B 67 17.57 9.22 6.38
CA LEU B 67 16.41 9.10 7.26
C LEU B 67 15.12 9.24 6.47
N PRO B 68 14.06 8.56 6.90
CA PRO B 68 12.72 8.88 6.34
C PRO B 68 12.32 10.26 6.83
N ASN B 69 11.78 11.08 5.91
CA ASN B 69 11.21 12.37 6.30
C ASN B 69 9.89 12.17 7.03
N HIS B 70 9.11 11.18 6.59
CA HIS B 70 7.76 10.96 7.09
C HIS B 70 7.58 9.47 7.31
N VAL B 71 7.31 9.12 8.58
CA VAL B 71 7.03 7.77 9.01
C VAL B 71 5.53 7.69 9.34
N ALA B 72 4.85 6.68 8.80
CA ALA B 72 3.46 6.41 9.14
C ALA B 72 3.40 5.11 9.93
N ILE B 73 2.60 5.08 11.00
CA ILE B 73 2.54 3.88 11.86
C ILE B 73 1.10 3.47 12.06
N VAL B 74 0.79 2.23 11.73
CA VAL B 74 -0.50 1.61 12.06
C VAL B 74 -0.30 0.89 13.40
N MET B 75 -0.96 1.39 14.44
CA MET B 75 -0.73 0.98 15.84
C MET B 75 -1.60 -0.22 16.19
N ASP B 76 -1.21 -1.38 15.68
CA ASP B 76 -2.08 -2.56 15.61
C ASP B 76 -1.65 -3.60 16.64
N GLY B 77 -2.62 -4.37 17.12
CA GLY B 77 -2.38 -5.48 18.03
C GLY B 77 -2.73 -5.24 19.48
N ASN B 78 -3.37 -4.11 19.80
CA ASN B 78 -3.70 -3.81 21.20
C ASN B 78 -4.69 -4.81 21.77
N GLY B 79 -5.73 -5.15 21.00
CA GLY B 79 -6.76 -6.04 21.50
C GLY B 79 -6.22 -7.44 21.77
N ARG B 80 -5.44 -7.98 20.82
CA ARG B 80 -4.85 -9.30 21.00
C ARG B 80 -3.87 -9.34 22.17
N TRP B 81 -3.08 -8.28 22.35
CA TRP B 81 -2.21 -8.20 23.52
C TRP B 81 -3.00 -8.44 24.81
N ALA B 82 -4.18 -7.81 24.93
CA ALA B 82 -4.99 -7.98 26.13
C ALA B 82 -5.61 -9.38 26.19
N THR B 83 -6.17 -9.85 25.06
CA THR B 83 -6.89 -11.14 25.09
C THR B 83 -5.93 -12.28 25.43
N GLN B 84 -4.67 -12.20 24.96
CA GLN B 84 -3.66 -13.22 25.28
C GLN B 84 -3.36 -13.28 26.77
N ARG B 85 -3.63 -12.21 27.51
CA ARG B 85 -3.44 -12.12 28.95
C ARG B 85 -4.73 -12.32 29.73
N GLY B 86 -5.81 -12.75 29.06
CA GLY B 86 -7.09 -12.88 29.75
C GLY B 86 -7.69 -11.56 30.20
N LEU B 87 -7.30 -10.45 29.57
CA LEU B 87 -7.87 -9.14 29.86
C LEU B 87 -8.85 -8.72 28.77
N ALA B 88 -9.76 -7.80 29.14
CA ALA B 88 -10.62 -7.17 28.16
C ALA B 88 -9.77 -6.49 27.08
N ARG B 89 -10.26 -6.53 25.83
CA ARG B 89 -9.48 -5.98 24.71
C ARG B 89 -9.01 -4.55 25.00
N THR B 90 -9.88 -3.73 25.57
CA THR B 90 -9.52 -2.31 25.69
C THR B 90 -8.45 -2.02 26.76
N GLU B 91 -8.08 -3.00 27.61
CA GLU B 91 -6.89 -2.85 28.45
C GLU B 91 -5.60 -2.74 27.63
N GLY B 92 -5.56 -3.40 26.46
CA GLY B 92 -4.41 -3.27 25.59
C GLY B 92 -4.29 -1.88 25.00
N HIS B 93 -5.44 -1.32 24.58
CA HIS B 93 -5.42 0.05 24.09
C HIS B 93 -4.91 0.99 25.15
N LYS B 94 -5.34 0.82 26.41
CA LYS B 94 -4.80 1.67 27.47
C LYS B 94 -3.27 1.63 27.53
N MET B 95 -2.67 0.43 27.35
CA MET B 95 -1.21 0.38 27.39
C MET B 95 -0.57 1.07 26.18
N GLY B 96 -1.31 1.18 25.08
CA GLY B 96 -0.78 1.81 23.86
C GLY B 96 -0.54 3.31 23.99
N GLU B 97 -1.18 3.97 24.95
CA GLU B 97 -0.98 5.41 25.13
C GLU B 97 0.48 5.75 25.43
N ALA B 98 1.06 5.06 26.43
CA ALA B 98 2.47 5.29 26.76
C ALA B 98 3.35 5.02 25.55
N VAL B 99 2.99 4.03 24.73
CA VAL B 99 3.81 3.73 23.55
C VAL B 99 3.76 4.89 22.56
N VAL B 100 2.59 5.50 22.36
CA VAL B 100 2.51 6.70 21.52
C VAL B 100 3.52 7.74 21.97
N ILE B 101 3.52 8.01 23.28
CA ILE B 101 4.39 9.08 23.75
C ILE B 101 5.86 8.68 23.68
N ASP B 102 6.16 7.41 23.98
CA ASP B 102 7.54 6.90 23.84
C ASP B 102 8.04 7.03 22.40
N ILE B 103 7.19 6.69 21.44
CA ILE B 103 7.57 6.78 20.04
C ILE B 103 7.74 8.23 19.61
N ALA B 104 6.89 9.15 20.12
CA ALA B 104 7.14 10.56 19.85
C ALA B 104 8.50 10.99 20.36
N CYS B 105 8.84 10.60 21.61
CA CYS B 105 10.15 10.93 22.16
C CYS B 105 11.27 10.36 21.30
N GLY B 106 11.14 9.10 20.89
CA GLY B 106 12.18 8.48 20.07
C GLY B 106 12.29 9.07 18.66
N ALA B 107 11.17 9.48 18.09
CA ALA B 107 11.22 10.12 16.78
C ALA B 107 11.95 11.45 16.86
N ILE B 108 11.73 12.20 17.94
CA ILE B 108 12.49 13.43 18.16
C ILE B 108 13.98 13.13 18.35
N GLU B 109 14.30 12.13 19.17
CA GLU B 109 15.72 11.80 19.36
C GLU B 109 16.40 11.43 18.06
N LEU B 110 15.67 10.77 17.14
CA LEU B 110 16.27 10.30 15.90
C LEU B 110 16.32 11.41 14.85
N GLY B 111 15.44 12.41 14.95
CA GLY B 111 15.43 13.48 13.96
C GLY B 111 14.34 13.40 12.93
N ILE B 112 13.32 12.55 13.15
CA ILE B 112 12.19 12.41 12.21
C ILE B 112 11.34 13.68 12.26
N LYS B 113 10.97 14.20 11.07
CA LYS B 113 10.23 15.45 11.03
C LYS B 113 8.71 15.27 10.96
N TRP B 114 8.21 14.15 10.43
CA TRP B 114 6.78 13.91 10.26
C TRP B 114 6.44 12.50 10.72
N LEU B 115 5.36 12.37 11.51
CA LEU B 115 4.93 11.08 12.03
C LEU B 115 3.41 11.06 11.93
N SER B 116 2.85 10.06 11.24
CA SER B 116 1.39 9.91 11.14
C SER B 116 1.01 8.65 11.91
N LEU B 117 0.03 8.73 12.79
CA LEU B 117 -0.36 7.62 13.66
C LEU B 117 -1.83 7.27 13.38
N TYR B 118 -2.10 6.00 13.07
CA TYR B 118 -3.47 5.53 12.77
C TYR B 118 -4.15 5.10 14.06
N ALA B 119 -5.06 5.93 14.55
CA ALA B 119 -5.73 5.70 15.84
C ALA B 119 -7.16 5.18 15.72
N PHE B 120 -7.87 5.44 14.62
CA PHE B 120 -9.22 4.91 14.44
C PHE B 120 -9.52 5.04 12.94
N SER B 121 -9.93 3.96 12.28
CA SER B 121 -10.24 4.04 10.84
C SER B 121 -11.73 4.22 10.55
N THR B 122 -12.02 4.59 9.30
CA THR B 122 -13.42 4.63 8.87
C THR B 122 -14.08 3.25 8.83
N GLU B 123 -13.29 2.18 8.92
CA GLU B 123 -13.86 0.84 8.98
C GLU B 123 -14.10 0.36 10.41
N ASN B 124 -13.54 1.06 11.41
CA ASN B 124 -13.64 0.58 12.79
C ASN B 124 -15.04 0.80 13.37
N TRP B 125 -15.91 1.57 12.69
CA TRP B 125 -17.31 1.65 13.07
C TRP B 125 -18.01 0.31 12.95
N LYS B 126 -17.39 -0.66 12.26
CA LYS B 126 -17.96 -2.00 12.16
C LYS B 126 -17.82 -2.77 13.47
N ARG B 127 -17.04 -2.28 14.43
CA ARG B 127 -16.90 -2.96 15.72
C ARG B 127 -18.15 -2.77 16.59
N SER B 128 -18.16 -3.44 17.74
CA SER B 128 -19.33 -3.38 18.63
C SER B 128 -19.53 -1.94 19.14
N PRO B 129 -20.76 -1.55 19.44
CA PRO B 129 -20.96 -0.21 20.03
C PRO B 129 -20.13 0.00 21.29
N GLU B 130 -19.99 -1.04 22.12
CA GLU B 130 -19.17 -0.94 23.30
C GLU B 130 -17.73 -0.57 22.96
N GLU B 131 -17.14 -1.27 21.96
CA GLU B 131 -15.74 -1.03 21.67
C GLU B 131 -15.60 0.31 20.97
N VAL B 132 -16.57 0.69 20.12
CA VAL B 132 -16.50 1.99 19.45
C VAL B 132 -16.58 3.10 20.48
N ARG B 133 -17.52 3.01 21.43
CA ARG B 133 -17.60 4.03 22.48
C ARG B 133 -16.30 4.12 23.22
N PHE B 134 -15.71 2.96 23.58
CA PHE B 134 -14.45 3.00 24.29
C PHE B 134 -13.39 3.71 23.46
N LEU B 135 -13.26 3.35 22.20
CA LEU B 135 -12.15 3.87 21.40
C LEU B 135 -12.30 5.37 21.15
N MET B 136 -13.53 5.84 20.93
CA MET B 136 -13.75 7.28 20.76
C MET B 136 -13.38 8.04 22.02
N GLY B 137 -13.93 7.59 23.17
CA GLY B 137 -13.62 8.25 24.42
C GLY B 137 -12.17 8.15 24.78
N PHE B 138 -11.53 7.03 24.45
CA PHE B 138 -10.12 6.88 24.80
C PHE B 138 -9.27 7.83 23.99
N ASN B 139 -9.53 7.98 22.68
CA ASN B 139 -8.74 8.91 21.90
C ASN B 139 -8.93 10.35 22.39
N ARG B 140 -10.18 10.72 22.72
CA ARG B 140 -10.44 12.02 23.35
C ARG B 140 -9.55 12.19 24.57
N ASP B 141 -9.53 11.16 25.43
CA ASP B 141 -8.83 11.25 26.71
C ASP B 141 -7.32 11.30 26.53
N VAL B 142 -6.78 10.54 25.57
CA VAL B 142 -5.32 10.56 25.31
C VAL B 142 -4.89 11.95 24.91
N VAL B 143 -5.63 12.56 23.97
CA VAL B 143 -5.25 13.90 23.52
C VAL B 143 -5.31 14.89 24.68
N ARG B 144 -6.39 14.83 25.50
CA ARG B 144 -6.46 15.73 26.65
C ARG B 144 -5.29 15.50 27.61
N ARG B 145 -4.98 14.24 27.88
CA ARG B 145 -3.94 13.96 28.88
C ARG B 145 -2.56 14.38 28.41
N ARG B 146 -2.29 14.29 27.10
CA ARG B 146 -0.91 14.38 26.67
C ARG B 146 -0.58 15.62 25.83
N ARG B 147 -1.56 16.47 25.50
CA ARG B 147 -1.19 17.58 24.61
C ARG B 147 -0.24 18.60 25.24
N ASP B 148 -0.26 18.81 26.57
CA ASP B 148 0.70 19.73 27.18
C ASP B 148 2.11 19.17 27.08
N THR B 149 2.27 17.87 27.35
CA THR B 149 3.56 17.24 27.17
C THR B 149 4.06 17.38 25.74
N LEU B 150 3.20 17.05 24.78
CA LEU B 150 3.62 17.17 23.39
C LEU B 150 4.01 18.62 23.06
N LYS B 151 3.25 19.60 23.54
CA LYS B 151 3.62 21.00 23.30
C LYS B 151 5.00 21.31 23.84
N LYS B 152 5.29 20.86 25.07
CA LYS B 152 6.57 21.13 25.72
C LYS B 152 7.74 20.54 24.96
N LEU B 153 7.52 19.43 24.24
CA LEU B 153 8.56 18.79 23.45
C LEU B 153 8.71 19.41 22.06
N GLY B 154 7.92 20.41 21.69
CA GLY B 154 8.05 20.99 20.36
C GLY B 154 7.27 20.23 19.29
N VAL B 155 6.34 19.37 19.69
CA VAL B 155 5.47 18.65 18.75
C VAL B 155 4.38 19.60 18.25
N ARG B 156 4.17 19.61 16.93
CA ARG B 156 2.98 20.22 16.33
C ARG B 156 2.02 19.07 16.06
N ILE B 157 0.86 19.04 16.74
CA ILE B 157 -0.05 17.91 16.57
C ILE B 157 -1.37 18.42 16.03
N ARG B 158 -2.00 17.63 15.16
CA ARG B 158 -3.34 18.00 14.73
C ARG B 158 -4.05 16.76 14.22
N TRP B 159 -5.39 16.89 14.14
CA TRP B 159 -6.26 15.83 13.66
C TRP B 159 -6.20 15.69 12.15
N VAL B 160 -6.17 14.43 11.68
CA VAL B 160 -6.43 14.10 10.28
C VAL B 160 -7.51 13.03 10.23
N GLY B 161 -8.56 13.28 9.46
CA GLY B 161 -9.65 12.33 9.40
C GLY B 161 -10.90 12.96 8.81
N SER B 162 -11.97 12.18 8.84
CA SER B 162 -13.25 12.54 8.27
C SER B 162 -14.21 12.96 9.36
N ARG B 163 -15.00 13.99 9.08
CA ARG B 163 -15.81 14.57 10.13
C ARG B 163 -17.09 13.77 10.42
N PRO B 164 -17.81 13.23 9.41
CA PRO B 164 -19.06 12.50 9.75
C PRO B 164 -18.79 11.32 10.66
N ARG B 165 -19.66 11.18 11.69
CA ARG B 165 -19.66 10.12 12.71
C ARG B 165 -18.64 10.36 13.80
N LEU B 166 -17.52 11.03 13.51
CA LEU B 166 -16.51 11.20 14.55
C LEU B 166 -17.07 12.01 15.71
N TRP B 167 -16.78 11.56 16.93
CA TRP B 167 -17.33 12.25 18.09
C TRP B 167 -16.82 13.67 18.17
N ARG B 168 -17.73 14.60 18.44
CA ARG B 168 -17.35 15.99 18.58
C ARG B 168 -16.33 16.22 19.69
N SER B 169 -16.40 15.46 20.77
CA SER B 169 -15.40 15.60 21.84
C SER B 169 -13.98 15.32 21.35
N VAL B 170 -13.81 14.38 20.42
CA VAL B 170 -12.48 14.07 19.90
C VAL B 170 -11.98 15.24 19.06
N ILE B 171 -12.85 15.74 18.16
CA ILE B 171 -12.47 16.85 17.30
C ILE B 171 -12.11 18.05 18.17
N ASN B 172 -12.85 18.28 19.25
CA ASN B 172 -12.63 19.45 20.08
C ASN B 172 -11.31 19.35 20.80
N GLU B 173 -11.00 18.18 21.37
CA GLU B 173 -9.73 18.07 22.08
C GLU B 173 -8.57 18.26 21.12
N LEU B 174 -8.67 17.67 19.91
CA LEU B 174 -7.61 17.85 18.93
C LEU B 174 -7.54 19.28 18.43
N ALA B 175 -8.66 20.00 18.35
CA ALA B 175 -8.62 21.39 17.90
C ALA B 175 -7.85 22.27 18.89
N VAL B 176 -8.07 22.01 20.18
CA VAL B 176 -7.29 22.73 21.21
C VAL B 176 -5.80 22.37 21.07
N ALA B 177 -5.50 21.06 20.93
CA ALA B 177 -4.10 20.67 20.76
C ALA B 177 -3.46 21.31 19.54
N GLU B 178 -4.22 21.41 18.45
CA GLU B 178 -3.71 22.01 17.21
C GLU B 178 -3.41 23.49 17.43
N GLU B 179 -4.36 24.22 18.04
CA GLU B 179 -4.12 25.64 18.27
C GLU B 179 -2.94 25.88 19.20
N MET B 180 -2.78 25.04 20.22
CA MET B 180 -1.70 25.31 21.17
C MET B 180 -0.32 24.93 20.65
N THR B 181 -0.25 24.10 19.61
CA THR B 181 1.04 23.65 19.07
C THR B 181 1.31 24.14 17.65
N LYS B 182 0.51 25.09 17.14
CA LYS B 182 0.60 25.45 15.71
C LYS B 182 1.93 26.09 15.34
N SER B 183 2.64 26.66 16.31
CA SER B 183 3.94 27.27 16.04
C SER B 183 5.10 26.34 16.34
N ASN B 184 4.83 25.14 16.84
CA ASN B 184 5.94 24.22 17.10
C ASN B 184 6.50 23.64 15.81
N ASP B 185 7.78 23.26 15.85
CA ASP B 185 8.39 22.79 14.61
C ASP B 185 9.44 21.70 14.81
N VAL B 186 9.53 21.06 15.98
CA VAL B 186 10.48 19.96 16.14
C VAL B 186 10.02 18.76 15.31
N ILE B 187 8.74 18.41 15.40
CA ILE B 187 8.18 17.28 14.66
C ILE B 187 6.71 17.57 14.49
N THR B 188 6.10 17.11 13.40
CA THR B 188 4.66 17.19 13.24
C THR B 188 4.08 15.80 13.40
N ILE B 189 3.04 15.67 14.23
CA ILE B 189 2.29 14.41 14.39
C ILE B 189 0.90 14.61 13.81
N ASN B 190 0.58 13.80 12.81
CA ASN B 190 -0.77 13.70 12.27
C ASN B 190 -1.45 12.63 13.11
N TYR B 191 -2.45 13.02 13.91
CA TYR B 191 -3.14 12.07 14.78
C TYR B 191 -4.44 11.68 14.07
N CYS B 192 -4.46 10.49 13.50
CA CYS B 192 -5.45 10.15 12.47
C CYS B 192 -6.60 9.39 13.08
N VAL B 193 -7.76 10.05 13.16
CA VAL B 193 -8.93 9.49 13.86
C VAL B 193 -10.13 9.61 12.95
N ASN B 194 -10.82 8.48 12.75
CA ASN B 194 -11.84 8.34 11.70
C ASN B 194 -11.21 8.66 10.36
N TYR B 195 -10.00 8.14 10.17
CA TYR B 195 -9.26 8.34 8.95
C TYR B 195 -9.50 7.18 8.01
N GLY B 196 -9.70 7.49 6.72
CA GLY B 196 -9.72 6.43 5.72
C GLY B 196 -9.19 7.00 4.42
N GLY B 197 -8.22 6.33 3.78
CA GLY B 197 -7.58 6.94 2.61
C GLY B 197 -8.53 7.15 1.45
N ARG B 198 -9.42 6.17 1.20
CA ARG B 198 -10.41 6.33 0.12
C ARG B 198 -11.35 7.47 0.44
N THR B 199 -11.77 7.60 1.71
CA THR B 199 -12.67 8.68 2.09
C THR B 199 -11.99 10.03 1.94
N GLU B 200 -10.72 10.14 2.34
CA GLU B 200 -9.96 11.38 2.20
C GLU B 200 -9.89 11.83 0.75
N ILE B 201 -9.62 10.89 -0.15
CA ILE B 201 -9.59 11.22 -1.58
C ILE B 201 -10.97 11.65 -2.05
N THR B 202 -12.01 10.92 -1.62
CA THR B 202 -13.38 11.28 -1.98
C THR B 202 -13.71 12.70 -1.56
N GLU B 203 -13.33 13.08 -0.33
CA GLU B 203 -13.63 14.43 0.13
C GLU B 203 -12.85 15.48 -0.67
N ALA B 204 -11.62 15.17 -1.08
CA ALA B 204 -10.91 16.10 -1.97
C ALA B 204 -11.63 16.24 -3.31
N THR B 205 -12.10 15.11 -3.85
CA THR B 205 -12.83 15.12 -5.13
C THR B 205 -14.12 15.92 -5.01
N ARG B 206 -14.81 15.80 -3.88
CA ARG B 206 -16.00 16.62 -3.61
C ARG B 206 -15.67 18.10 -3.62
N GLU B 207 -14.56 18.48 -2.98
CA GLU B 207 -14.21 19.90 -2.95
C GLU B 207 -13.90 20.40 -4.35
N ILE B 208 -13.14 19.61 -5.10
CA ILE B 208 -12.84 19.93 -6.49
C ILE B 208 -14.13 20.09 -7.26
N ALA B 209 -15.08 19.18 -7.08
CA ALA B 209 -16.34 19.28 -7.80
C ALA B 209 -17.10 20.54 -7.43
N ARG B 210 -17.04 20.94 -6.15
CA ARG B 210 -17.71 22.19 -5.77
C ARG B 210 -17.09 23.38 -6.47
N GLU B 211 -15.76 23.40 -6.57
CA GLU B 211 -15.09 24.47 -7.30
C GLU B 211 -15.47 24.48 -8.77
N VAL B 212 -15.59 23.31 -9.39
CA VAL B 212 -16.01 23.22 -10.78
C VAL B 212 -17.43 23.78 -10.94
N ALA B 213 -18.35 23.32 -10.09
CA ALA B 213 -19.75 23.77 -10.17
C ALA B 213 -19.84 25.28 -10.03
N ALA B 214 -18.94 25.88 -9.26
CA ALA B 214 -18.91 27.33 -9.07
C ALA B 214 -18.19 28.07 -10.19
N GLY B 215 -17.66 27.37 -11.18
CA GLY B 215 -16.99 28.00 -12.29
C GLY B 215 -15.59 28.49 -11.98
N ARG B 216 -14.99 28.02 -10.87
CA ARG B 216 -13.67 28.42 -10.42
C ARG B 216 -12.57 27.45 -10.81
N LEU B 217 -12.92 26.29 -11.37
CA LEU B 217 -11.94 25.29 -11.73
C LEU B 217 -12.42 24.58 -12.99
N ASN B 218 -11.53 24.48 -14.02
CA ASN B 218 -11.89 23.77 -15.22
C ASN B 218 -11.45 22.31 -15.10
N PRO B 219 -12.32 21.36 -15.46
CA PRO B 219 -11.93 19.94 -15.40
C PRO B 219 -10.63 19.59 -16.08
N GLU B 220 -10.32 20.25 -17.22
CA GLU B 220 -9.12 19.89 -17.96
C GLU B 220 -7.87 20.50 -17.38
N ARG B 221 -7.99 21.29 -16.31
CA ARG B 221 -6.82 21.77 -15.58
C ARG B 221 -6.56 20.96 -14.31
N ILE B 222 -7.36 19.96 -14.02
CA ILE B 222 -7.13 19.11 -12.86
C ILE B 222 -5.93 18.21 -13.08
N THR B 223 -4.99 18.24 -12.13
CA THR B 223 -3.82 17.35 -12.16
C THR B 223 -3.74 16.57 -10.85
N GLU B 224 -2.71 15.71 -10.75
CA GLU B 224 -2.50 15.04 -9.47
C GLU B 224 -2.28 16.05 -8.36
N SER B 225 -1.58 17.14 -8.67
CA SER B 225 -1.36 18.18 -7.68
C SER B 225 -2.67 18.83 -7.23
N THR B 226 -3.66 18.94 -8.13
CA THR B 226 -4.97 19.45 -7.71
C THR B 226 -5.56 18.58 -6.59
N ILE B 227 -5.49 17.26 -6.77
CA ILE B 227 -6.00 16.37 -5.72
C ILE B 227 -5.22 16.58 -4.43
N ALA B 228 -3.89 16.60 -4.54
CA ALA B 228 -3.05 16.76 -3.35
C ALA B 228 -3.36 18.05 -2.61
N ARG B 229 -3.63 19.12 -3.36
CA ARG B 229 -3.87 20.42 -2.77
C ARG B 229 -5.23 20.49 -2.11
N HIS B 230 -6.11 19.56 -2.43
CA HIS B 230 -7.45 19.54 -1.84
C HIS B 230 -7.64 18.45 -0.80
N LEU B 231 -6.60 17.71 -0.45
CA LEU B 231 -6.70 16.85 0.72
C LEU B 231 -6.88 17.71 1.98
N GLN B 232 -7.37 17.08 3.04
CA GLN B 232 -7.67 17.81 4.26
C GLN B 232 -6.48 18.60 4.77
N ARG B 233 -5.30 17.96 4.81
CA ARG B 233 -4.06 18.58 5.31
C ARG B 233 -3.05 18.54 4.17
N PRO B 234 -3.08 19.52 3.27
CA PRO B 234 -2.23 19.44 2.07
C PRO B 234 -0.75 19.63 2.35
N ASP B 235 -0.39 20.00 3.57
CA ASP B 235 1.03 20.13 3.88
C ASP B 235 1.68 18.81 4.22
N ILE B 236 0.91 17.72 4.30
CA ILE B 236 1.52 16.42 4.64
C ILE B 236 2.36 15.90 3.48
N PRO B 237 3.64 15.59 3.69
CA PRO B 237 4.48 15.10 2.60
C PRO B 237 4.25 13.61 2.37
N ASP B 238 4.79 13.14 1.24
CA ASP B 238 4.71 11.71 0.98
C ASP B 238 5.21 10.93 2.20
N VAL B 239 4.61 9.76 2.44
CA VAL B 239 5.14 8.84 3.43
C VAL B 239 6.37 8.17 2.82
N ASP B 240 7.49 8.19 3.55
CA ASP B 240 8.67 7.47 3.13
C ASP B 240 8.70 6.07 3.66
N LEU B 241 8.26 5.90 4.91
CA LEU B 241 8.38 4.62 5.62
C LEU B 241 7.04 4.34 6.29
N PHE B 242 6.45 3.21 5.97
CA PHE B 242 5.14 2.79 6.49
C PHE B 242 5.38 1.59 7.37
N LEU B 243 5.02 1.70 8.64
CA LEU B 243 5.20 0.63 9.63
C LEU B 243 3.85 0.09 10.08
N ARG B 244 3.81 -1.22 10.26
CA ARG B 244 2.62 -1.76 10.92
C ARG B 244 3.03 -2.85 11.87
N THR B 245 2.51 -2.78 13.09
CA THR B 245 2.80 -3.75 14.13
C THR B 245 1.80 -4.91 14.09
N SER B 246 2.08 -5.92 14.90
CA SER B 246 1.28 -7.08 15.24
C SER B 246 1.41 -8.22 14.25
N GLY B 247 2.24 -8.11 13.22
CA GLY B 247 2.40 -9.18 12.26
C GLY B 247 1.46 -9.12 11.07
N GLU B 248 0.50 -8.22 11.07
CA GLU B 248 -0.36 -8.08 9.89
C GLU B 248 0.40 -7.34 8.80
N GLN B 249 0.27 -7.83 7.58
CA GLN B 249 1.01 -7.26 6.45
C GLN B 249 0.03 -6.65 5.46
N ARG B 250 -0.49 -5.50 5.85
CA ARG B 250 -1.54 -4.80 5.11
C ARG B 250 -1.45 -3.34 5.48
N SER B 251 -1.87 -2.47 4.58
CA SER B 251 -1.88 -1.04 4.90
C SER B 251 -3.23 -0.56 5.41
N SER B 252 -4.28 -1.34 5.19
CA SER B 252 -5.63 -1.04 5.73
C SER B 252 -6.04 0.43 5.52
N ASN B 253 -5.86 0.91 4.28
CA ASN B 253 -6.41 2.18 3.86
C ASN B 253 -5.77 3.37 4.56
N PHE B 254 -4.57 3.20 5.14
CA PHE B 254 -3.94 4.31 5.85
C PHE B 254 -3.06 5.10 4.89
N MET B 255 -3.16 6.43 4.96
CA MET B 255 -2.32 7.31 4.14
C MET B 255 -2.31 6.87 2.68
N LEU B 256 -3.49 6.62 2.11
CA LEU B 256 -3.54 5.92 0.83
C LEU B 256 -2.87 6.72 -0.29
N TRP B 257 -3.25 7.99 -0.45
CA TRP B 257 -2.60 8.81 -1.47
C TRP B 257 -1.14 9.02 -1.12
N GLN B 258 -0.87 9.34 0.15
CA GLN B 258 0.46 9.80 0.55
C GLN B 258 1.52 8.71 0.56
N ALA B 259 1.12 7.44 0.74
CA ALA B 259 2.05 6.32 0.84
C ALA B 259 2.14 5.52 -0.45
N ALA B 260 1.70 6.10 -1.57
CA ALA B 260 1.76 5.38 -2.85
C ALA B 260 3.15 4.86 -3.17
N TYR B 261 4.20 5.58 -2.80
CA TYR B 261 5.56 5.17 -3.09
C TYR B 261 6.36 4.80 -1.86
N ALA B 262 5.71 4.66 -0.71
CA ALA B 262 6.42 4.34 0.53
C ALA B 262 7.04 2.96 0.52
N GLU B 263 8.10 2.81 1.35
CA GLU B 263 8.60 1.51 1.76
C GLU B 263 7.81 0.97 2.95
N TYR B 264 7.44 -0.31 2.90
CA TYR B 264 6.74 -0.98 4.00
C TYR B 264 7.70 -1.81 4.83
N ILE B 265 7.60 -1.68 6.16
CA ILE B 265 8.27 -2.56 7.10
C ILE B 265 7.23 -3.06 8.08
N PHE B 266 7.00 -4.36 8.06
CA PHE B 266 6.02 -5.00 8.91
C PHE B 266 6.74 -5.60 10.11
N GLN B 267 6.35 -5.18 11.29
CA GLN B 267 7.00 -5.64 12.52
C GLN B 267 6.03 -6.52 13.29
N ASP B 268 6.53 -7.64 13.82
CA ASP B 268 5.62 -8.61 14.40
C ASP B 268 5.14 -8.23 15.81
N LYS B 269 5.90 -7.40 16.55
CA LYS B 269 5.50 -7.04 17.91
C LYS B 269 4.12 -6.42 17.94
N LEU B 270 3.37 -6.74 18.99
CA LEU B 270 2.09 -6.07 19.25
C LEU B 270 2.36 -4.65 19.75
N TRP B 271 1.46 -3.72 19.41
CA TRP B 271 1.71 -2.32 19.77
C TRP B 271 2.01 -2.11 21.27
N PRO B 272 1.28 -2.70 22.23
CA PRO B 272 1.63 -2.43 23.65
C PRO B 272 3.01 -2.90 24.05
N ASP B 273 3.68 -3.78 23.26
CA ASP B 273 5.03 -4.25 23.56
C ASP B 273 6.09 -3.41 22.85
N TYR B 274 5.68 -2.46 22.02
CA TYR B 274 6.58 -1.72 21.16
C TYR B 274 7.26 -0.60 21.96
N ASP B 275 8.47 -0.23 21.56
CA ASP B 275 9.11 0.93 22.19
C ASP B 275 9.98 1.64 21.16
N ARG B 276 10.58 2.76 21.57
CA ARG B 276 11.27 3.61 20.59
C ARG B 276 12.43 2.89 19.92
N ARG B 277 13.04 1.89 20.58
CA ARG B 277 14.12 1.16 19.93
C ARG B 277 13.61 0.37 18.71
N ASP B 278 12.34 -0.04 18.72
CA ASP B 278 11.77 -0.74 17.56
C ASP B 278 11.54 0.20 16.39
N LEU B 279 11.09 1.42 16.67
CA LEU B 279 11.03 2.46 15.62
C LEU B 279 12.41 2.70 15.04
N TRP B 280 13.42 2.83 15.91
CA TRP B 280 14.77 3.06 15.40
C TRP B 280 15.26 1.91 14.55
N ALA B 281 14.96 0.66 14.95
CA ALA B 281 15.41 -0.49 14.14
C ALA B 281 14.80 -0.45 12.75
N ALA B 282 13.52 -0.08 12.65
CA ALA B 282 12.91 0.03 11.33
C ALA B 282 13.54 1.15 10.53
N CYS B 283 13.85 2.26 11.18
CA CYS B 283 14.49 3.36 10.46
C CYS B 283 15.90 2.99 10.01
N GLU B 284 16.61 2.18 10.78
CA GLU B 284 17.93 1.70 10.34
C GLU B 284 17.82 0.82 9.11
N GLU B 285 16.81 -0.07 9.10
CA GLU B 285 16.57 -0.86 7.91
C GLU B 285 16.26 0.02 6.71
N TYR B 286 15.37 0.99 6.87
CA TYR B 286 15.06 1.91 5.79
C TYR B 286 16.32 2.62 5.29
N ALA B 287 17.12 3.14 6.23
CA ALA B 287 18.32 3.87 5.87
C ALA B 287 19.31 3.01 5.13
N SER B 288 19.33 1.71 5.39
CA SER B 288 20.29 0.85 4.71
C SER B 288 19.86 0.38 3.33
N ARG B 289 18.58 0.48 3.01
CA ARG B 289 18.06 -0.09 1.78
C ARG B 289 18.67 0.65 0.60
N THR B 290 19.10 -0.09 -0.41
CA THR B 290 19.53 0.54 -1.66
C THR B 290 18.34 1.19 -2.34
N ARG B 291 18.51 2.45 -2.76
CA ARG B 291 17.43 3.22 -3.35
C ARG B 291 17.42 3.00 -4.86
N ARG B 292 16.26 2.66 -5.38
CA ARG B 292 16.12 2.18 -6.74
C ARG B 292 16.23 3.33 -7.74
N PHE B 293 16.50 2.94 -8.98
CA PHE B 293 16.48 3.89 -10.08
C PHE B 293 15.19 4.71 -10.08
N GLY B 294 15.36 6.03 -10.23
CA GLY B 294 14.23 6.91 -10.43
C GLY B 294 13.51 7.30 -9.16
N SER B 295 13.90 6.75 -8.02
CA SER B 295 13.14 7.05 -6.81
C SER B 295 13.51 8.43 -6.26
N ALA B 296 12.55 9.05 -5.56
CA ALA B 296 12.81 10.33 -4.89
C ALA B 296 13.50 10.15 -3.53
PA GST C . 15.79 -1.09 -11.52
PA GST C . 15.19 -3.81 -12.23
O1A GST C . 15.80 -0.60 -12.88
O1A GST C . 15.54 -5.10 -11.63
O2A GST C . 14.87 -0.09 -10.62
O2A GST C . 15.85 -3.64 -13.72
O3A GST C . 17.18 -1.10 -11.03
O3A GST C . 15.80 -2.83 -11.30
O1B GST C . 15.12 -2.57 -11.27
O1B GST C . 13.61 -3.46 -12.41
PB GST C . 15.34 -3.87 -12.25
PB GST C . 12.61 -3.85 -13.66
O2B GST C . 16.68 -3.78 -12.84
O2B GST C . 12.88 -3.21 -14.95
O3B GST C . 15.47 -5.14 -11.55
O3B GST C . 12.39 -5.27 -13.86
S1 GST C . 13.88 -3.77 -13.78
S1 GST C . 10.85 -3.15 -12.76
C1 GST C . 12.35 -3.09 -13.07
C1 GST C . 9.65 -2.84 -14.10
C2 GST C . 11.19 -3.51 -13.98
C2 GST C . 9.40 -4.05 -15.02
C3 GST C . 9.96 -3.59 -13.50
C3 GST C . 9.05 -3.89 -16.29
C10 GST C . 9.67 -3.29 -12.04
C10 GST C . 8.91 -2.49 -16.88
C4 GST C . 8.83 -4.02 -14.42
C4 GST C . 8.79 -5.08 -17.24
C5 GST C . 9.01 -3.55 -15.86
C5 GST C . 7.87 -6.16 -16.67
C6 GST C . 9.26 -4.72 -16.82
C6 GST C . 7.04 -6.79 -17.81
C7 GST C . 8.36 -5.61 -17.19
C7 GST C . 7.31 -7.99 -18.29
C9 GST C . 6.93 -5.56 -16.67
C9 GST C . 8.48 -8.81 -17.75
C8 GST C . 8.73 -6.73 -18.17
C8 GST C . 6.45 -8.56 -19.42
MG MG D . -9.40 -2.07 9.89
CL CL E . 21.38 3.85 -2.14
C CO3 F . -21.76 1.29 12.13
O1 CO3 F . -22.22 1.63 13.31
O2 CO3 F . -21.45 0.05 11.89
O3 CO3 F . -21.62 2.19 11.20
S1 DTT G . -20.95 0.25 16.64
C1 DTT G . -21.31 -0.42 14.99
C2 DTT G . -22.36 -1.52 14.81
O2 DTT G . -23.32 -1.57 15.84
C3 DTT G . -21.76 -2.90 14.56
O3 DTT G . -22.36 -3.92 15.34
C4 DTT G . -22.09 -3.21 13.12
S4 DTT G . -21.11 -4.59 12.59
C1 GOL H . 16.00 14.33 7.38
O1 GOL H . 15.97 15.63 7.87
C2 GOL H . 14.54 13.84 7.38
O2 GOL H . 13.68 14.80 6.90
C3 GOL H . 14.27 13.43 8.87
O3 GOL H . 12.91 13.21 8.97
MG MG I . -6.29 -4.90 14.34
PA GST J . -6.23 -6.27 17.36
O1A GST J . -5.75 -6.15 15.95
O2A GST J . -5.26 -7.12 18.26
O3A GST J . -7.66 -6.68 17.27
O1B GST J . -6.25 -4.78 18.02
PB GST J . -6.80 -3.44 17.30
O2B GST J . -8.04 -3.03 18.04
O3B GST J . -7.15 -3.58 15.88
S1 GST J . -5.25 -2.20 17.60
C1 GST J . -5.73 -0.93 16.38
C2 GST J . -5.37 0.45 16.92
C3 GST J . -6.19 1.31 17.44
C10 GST J . -7.70 1.04 17.53
C4 GST J . -5.57 2.63 17.90
C5 GST J . -5.03 2.60 19.31
C6 GST J . -4.90 4.03 19.84
C7 GST J . -3.91 4.37 20.63
C9 GST J . -2.84 3.35 21.03
C8 GST J . -3.82 5.81 21.13
P1 ISY K . -7.40 -4.70 9.86
O2 ISY K . -6.94 -3.25 10.41
P3 ISY K . -7.24 -2.69 11.89
O4 ISY K . -7.40 -4.58 8.36
O5 ISY K . -8.88 -4.85 10.34
O6 ISY K . -6.49 -5.78 10.42
O7 ISY K . -8.42 -1.82 11.69
O8 ISY K . -7.15 -3.76 12.96
S9 ISY K . -5.54 -1.53 12.25
C10 ISY K . -5.97 -0.07 11.32
C11 ISY K . -6.75 0.88 12.20
C12 ISY K . -5.93 1.48 13.33
C13 ISY K . -6.65 2.57 14.10
C14 ISY K . -4.69 1.15 13.70
#